data_8Q1L
#
_entry.id   8Q1L
#
_entity_poly.entity_id   1
_entity_poly.type   'polypeptide(D)'
_entity_poly.pdbx_seq_one_letter_code
;(IG8)(DLE)(DAS)(2TL)(DLE)(DLE)(DSN)L(DSN)IID
;
_entity_poly.pdbx_strand_id   A
#
# COMPACT_ATOMS: atom_id res chain seq x y z
N LEU A 8 2.16 0.93 4.45
CA LEU A 8 3.35 0.16 4.16
C LEU A 8 3.81 0.29 2.67
N ILE A 10 2.49 -0.89 -0.08
CA ILE A 10 2.05 -2.02 -1.01
C ILE A 10 0.74 -1.64 -1.71
N ILE A 11 -0.25 -1.14 -0.95
CA ILE A 11 -1.61 -0.95 -1.30
C ILE A 11 -2.15 0.33 -0.68
N ASP A 12 -2.97 1.12 -1.42
CA ASP A 12 -3.59 2.42 -0.97
C ASP A 12 -4.58 2.11 0.06
N LEU A 8 2.09 0.98 4.86
CA LEU A 8 3.34 0.32 4.53
C LEU A 8 3.74 0.68 3.10
N ILE A 10 1.93 -0.60 0.26
CA ILE A 10 1.67 -1.77 -0.60
C ILE A 10 0.44 -1.46 -1.47
N ILE A 11 -0.60 -0.94 -0.86
CA ILE A 11 -1.79 -0.63 -1.62
C ILE A 11 -2.27 0.77 -1.19
N ASP A 12 -3.24 1.28 -1.87
CA ASP A 12 -3.76 2.61 -1.53
C ASP A 12 -4.35 2.59 -0.11
N LEU A 8 1.87 0.83 4.68
CA LEU A 8 3.08 0.14 4.25
C LEU A 8 3.59 0.74 2.92
N ILE A 10 2.41 -0.23 -0.04
CA ILE A 10 2.39 -1.27 -1.09
C ILE A 10 1.08 -1.17 -1.87
N ILE A 11 -0.02 -0.95 -1.20
CA ILE A 11 -1.29 -0.83 -1.89
C ILE A 11 -1.99 0.44 -1.43
N ASP A 12 -3.06 0.78 -2.08
CA ASP A 12 -3.80 1.98 -1.71
C ASP A 12 -4.67 1.71 -0.48
N LEU A 8 2.05 1.07 4.89
CA LEU A 8 3.30 0.45 4.44
C LEU A 8 3.63 0.93 3.03
N ILE A 10 2.02 -0.33 0.17
CA ILE A 10 1.98 -1.51 -0.73
C ILE A 10 0.75 -1.40 -1.62
N ILE A 11 -0.38 -1.05 -1.04
CA ILE A 11 -1.58 -0.93 -1.82
C ILE A 11 -2.30 0.36 -1.40
N ASP A 12 -3.35 0.71 -2.09
CA ASP A 12 -4.08 1.92 -1.76
C ASP A 12 -4.88 1.70 -0.47
N LEU A 8 1.97 1.10 4.82
CA LEU A 8 3.27 0.56 4.46
C LEU A 8 3.64 0.99 3.04
N ILE A 10 2.08 -0.48 0.20
CA ILE A 10 1.97 -1.64 -0.71
C ILE A 10 0.73 -1.48 -1.58
N ILE A 11 -0.38 -1.09 -1.01
CA ILE A 11 -1.58 -0.90 -1.78
C ILE A 11 -2.25 0.41 -1.35
N ASP A 12 -3.27 0.81 -2.05
CA ASP A 12 -3.95 2.05 -1.70
C ASP A 12 -4.79 1.82 -0.43
N LEU A 8 2.06 1.02 4.88
CA LEU A 8 3.28 0.39 4.39
C LEU A 8 3.59 0.90 2.99
N ILE A 10 2.05 -0.28 0.14
CA ILE A 10 2.04 -1.42 -0.78
C ILE A 10 0.77 -1.35 -1.65
N ILE A 11 -0.35 -1.05 -1.06
CA ILE A 11 -1.57 -0.95 -1.81
C ILE A 11 -2.31 0.33 -1.40
N ASP A 12 -3.37 0.65 -2.09
CA ASP A 12 -4.11 1.85 -1.76
C ASP A 12 -4.92 1.63 -0.48
N LEU A 8 1.85 0.80 4.67
CA LEU A 8 3.03 0.11 4.18
C LEU A 8 3.51 0.76 2.87
N ILE A 10 2.39 -0.11 -0.06
CA ILE A 10 2.42 -1.13 -1.14
C ILE A 10 1.09 -1.09 -1.89
N ILE A 11 -0.01 -0.94 -1.20
CA ILE A 11 -1.30 -0.90 -1.86
C ILE A 11 -2.05 0.35 -1.40
N ASP A 12 -3.15 0.64 -2.04
CA ASP A 12 -3.92 1.81 -1.67
C ASP A 12 -4.76 1.53 -0.43
N LEU A 8 1.86 0.77 4.68
CA LEU A 8 3.06 0.08 4.23
C LEU A 8 3.58 0.70 2.93
N ILE A 10 2.47 -0.21 -0.05
CA ILE A 10 2.46 -1.23 -1.11
C ILE A 10 1.17 -1.12 -1.92
N ILE A 11 0.06 -0.92 -1.27
CA ILE A 11 -1.19 -0.80 -1.97
C ILE A 11 -1.94 0.44 -1.46
N ASP A 12 -3.01 0.79 -2.12
CA ASP A 12 -3.78 1.96 -1.70
C ASP A 12 -4.63 1.61 -0.47
N LEU A 8 2.07 1.06 4.88
CA LEU A 8 3.32 0.45 4.45
C LEU A 8 3.65 0.90 3.03
N ILE A 10 2.02 -0.37 0.17
CA ILE A 10 1.96 -1.54 -0.71
C ILE A 10 0.73 -1.41 -1.61
N ILE A 11 -0.39 -1.05 -1.04
CA ILE A 11 -1.59 -0.90 -1.82
C ILE A 11 -2.28 0.40 -1.40
N ASP A 12 -3.32 0.76 -2.09
CA ASP A 12 -4.03 1.99 -1.75
C ASP A 12 -4.84 1.78 -0.47
N LEU A 8 1.97 0.85 4.79
CA LEU A 8 3.21 0.23 4.34
C LEU A 8 3.62 0.81 2.99
N ILE A 10 2.23 -0.18 0.04
CA ILE A 10 2.24 -1.28 -0.95
C ILE A 10 0.96 -1.19 -1.80
N ILE A 11 -0.16 -0.94 -1.17
CA ILE A 11 -1.40 -0.84 -1.90
C ILE A 11 -2.13 0.44 -1.47
N ASP A 12 -3.19 0.78 -2.14
CA ASP A 12 -3.93 1.98 -1.81
C ASP A 12 -4.76 1.74 -0.55
N LEU A 8 1.86 0.78 4.63
CA LEU A 8 3.05 0.07 4.17
C LEU A 8 3.57 0.70 2.88
N ILE A 10 2.45 -0.20 -0.09
CA ILE A 10 2.43 -1.22 -1.16
C ILE A 10 1.11 -1.14 -1.92
N ILE A 11 0.02 -0.93 -1.22
CA ILE A 11 -1.26 -0.83 -1.88
C ILE A 11 -1.98 0.43 -1.40
N ASP A 12 -3.07 0.76 -2.02
CA ASP A 12 -3.80 1.96 -1.62
C ASP A 12 -4.64 1.67 -0.38
#